data_1NEZ
#
_entry.id   1NEZ
#
_cell.length_a   77.018
_cell.length_b   77.018
_cell.length_c   176.045
_cell.angle_alpha   90.00
_cell.angle_beta   90.00
_cell.angle_gamma   120.00
#
_symmetry.space_group_name_H-M   'P 31 2 1'
#
loop_
_entity.id
_entity.type
_entity.pdbx_description
1 polymer 'H-2 class I histocompatibility antigen, TLA(C) alpha chain'
2 polymer Beta-2-microglobulin
3 polymer 'T-cell surface glycoprotein CD8 alpha chain'
4 non-polymer 2-acetamido-2-deoxy-beta-D-glucopyranose
5 water water
#
loop_
_entity_poly.entity_id
_entity_poly.type
_entity_poly.pdbx_seq_one_letter_code
_entity_poly.pdbx_strand_id
1 'polypeptide(L)'
;GSHSLRYFYTALSRPAISEPWYIAVGYLDDTQFARFDSAGETGTYKLSAPWVEQEGPEYWARETEIVTSNAQFFRENLQT
MLDYYNLSQNGSHTIQVMYGCEVEFFGSLFRAYEQHGYDGQDYIALNEDLKTWTAADMAAEITRSKWEQAGYTELRRTYL
EGPCKDSLLRYLENRKKTQECTDPPKTHVTHHARPEGDVTLRCWALGFYPAHITLTWQLNGEELIQDTELVETRPAGDGT
FQKWAAVVVPSGEEQKYTCHVYHEGLPEPLTLRW
;
A
2 'polypeptide(L)'
;IQKTPQIQVYSRHPPENGKPNILNCYVTQFHPPHIEIQMLKNGKKIPKVEMSDMSFSKDWSFYILAHTEFTPTETDTYAC
RVKHDSMAEPKTVYWDRDM
;
B
3 'polypeptide(L)'
;KPQAPELRIFPKKMDAELGQKVDLVCEVLGSVSQGCSWLFQNSSSKLPQPTFVVYMASSHNKITWDEKLNSSKLFSAMRD
TNNKYVLTLNKFSKENEGYYFCSVISNSVMYFSSVVPVLQKVSSALVP
;
G,H
#
loop_
_chem_comp.id
_chem_comp.type
_chem_comp.name
_chem_comp.formula
NAG D-saccharide, beta linking 2-acetamido-2-deoxy-beta-D-glucopyranose 'C8 H15 N O6'
#
# COMPACT_ATOMS: atom_id res chain seq x y z
N GLY A 1 17.94 -6.64 -8.18
CA GLY A 1 17.70 -7.76 -9.14
C GLY A 1 16.75 -7.35 -10.26
N SER A 2 15.69 -6.63 -9.88
CA SER A 2 14.69 -6.15 -10.83
C SER A 2 14.81 -4.64 -10.98
N HIS A 3 15.05 -4.16 -12.19
CA HIS A 3 15.18 -2.71 -12.40
C HIS A 3 14.10 -2.20 -13.35
N SER A 4 13.64 -0.98 -13.11
CA SER A 4 12.58 -0.41 -13.91
C SER A 4 12.89 0.97 -14.48
N LEU A 5 12.18 1.32 -15.55
CA LEU A 5 12.28 2.63 -16.19
C LEU A 5 10.81 2.99 -16.38
N ARG A 6 10.36 4.07 -15.76
CA ARG A 6 8.97 4.45 -15.83
C ARG A 6 8.77 5.95 -15.99
N TYR A 7 7.70 6.30 -16.70
CA TYR A 7 7.34 7.68 -16.97
C TYR A 7 5.99 7.97 -16.33
N PHE A 8 5.94 9.04 -15.54
CA PHE A 8 4.70 9.44 -14.86
C PHE A 8 4.20 10.74 -15.44
N TYR A 9 3.11 10.70 -16.20
CA TYR A 9 2.53 11.89 -16.80
C TYR A 9 1.31 12.37 -16.05
N THR A 10 1.22 13.69 -15.88
CA THR A 10 0.08 14.33 -15.24
C THR A 10 -0.26 15.49 -16.16
N ALA A 11 -1.43 15.41 -16.79
CA ALA A 11 -1.86 16.44 -17.68
C ALA A 11 -3.11 16.99 -17.08
N LEU A 12 -3.31 18.28 -17.24
CA LEU A 12 -4.49 18.89 -16.69
C LEU A 12 -5.29 19.46 -17.85
N SER A 13 -6.60 19.28 -17.78
CA SER A 13 -7.50 19.76 -18.81
C SER A 13 -8.43 20.75 -18.16
N ARG A 14 -8.17 22.02 -18.40
CA ARG A 14 -8.99 23.10 -17.86
C ARG A 14 -9.15 24.18 -18.92
N PRO A 15 -10.17 24.07 -19.78
CA PRO A 15 -10.41 25.04 -20.84
C PRO A 15 -10.74 26.45 -20.32
N ALA A 16 -10.46 26.71 -19.06
CA ALA A 16 -10.73 28.02 -18.49
C ALA A 16 -9.46 28.79 -18.08
N ILE A 17 -8.29 28.28 -18.45
CA ILE A 17 -7.04 28.94 -18.08
C ILE A 17 -5.79 28.58 -18.87
N SER A 18 -4.68 29.18 -18.44
CA SER A 18 -3.34 29.01 -19.01
C SER A 18 -2.96 27.53 -19.04
N GLU A 19 -1.67 27.22 -19.23
CA GLU A 19 -1.30 25.82 -19.29
C GLU A 19 -0.01 25.17 -18.78
N PRO A 20 0.18 25.08 -17.44
CA PRO A 20 1.39 24.40 -16.96
C PRO A 20 0.82 22.97 -17.02
N TRP A 21 0.03 22.78 -18.07
CA TRP A 21 -0.76 21.60 -18.44
C TRP A 21 -0.21 20.21 -18.29
N TYR A 22 1.10 20.01 -18.45
CA TYR A 22 1.62 18.67 -18.27
C TYR A 22 3.03 18.60 -17.74
N ILE A 23 3.22 17.65 -16.84
CA ILE A 23 4.52 17.38 -16.28
C ILE A 23 4.71 15.89 -16.48
N ALA A 24 5.93 15.47 -16.74
CA ALA A 24 6.20 14.08 -16.91
C ALA A 24 7.53 13.86 -16.23
N VAL A 25 7.59 12.83 -15.41
CA VAL A 25 8.83 12.53 -14.73
C VAL A 25 9.22 11.11 -15.07
N GLY A 26 10.53 10.90 -15.20
CA GLY A 26 11.06 9.58 -15.53
C GLY A 26 11.96 9.05 -14.44
N TYR A 27 11.83 7.77 -14.13
CA TYR A 27 12.65 7.18 -13.09
C TYR A 27 13.38 5.93 -13.53
N LEU A 28 14.53 5.71 -12.90
CA LEU A 28 15.34 4.55 -13.14
C LEU A 28 15.19 3.95 -11.76
N ASP A 29 14.47 2.83 -11.65
CA ASP A 29 14.24 2.26 -10.34
C ASP A 29 13.61 3.39 -9.53
N ASP A 30 14.16 3.71 -8.36
CA ASP A 30 13.57 4.77 -7.57
C ASP A 30 14.17 6.15 -7.74
N THR A 31 15.03 6.32 -8.75
CA THR A 31 15.68 7.60 -8.98
C THR A 31 15.16 8.31 -10.23
N GLN A 32 14.73 9.56 -10.05
CA GLN A 32 14.25 10.35 -11.16
C GLN A 32 15.49 10.81 -11.93
N PHE A 33 15.43 10.79 -13.26
CA PHE A 33 16.59 11.23 -14.04
C PHE A 33 16.18 12.42 -14.88
N ALA A 34 14.89 12.67 -14.94
CA ALA A 34 14.42 13.76 -15.76
C ALA A 34 13.00 14.21 -15.49
N ARG A 35 12.74 15.45 -15.84
CA ARG A 35 11.42 16.05 -15.70
C ARG A 35 11.16 16.79 -17.00
N PHE A 36 10.08 16.46 -17.67
CA PHE A 36 9.70 17.14 -18.89
C PHE A 36 8.43 17.85 -18.54
N ASP A 37 8.18 18.96 -19.21
CA ASP A 37 6.96 19.65 -19.01
C ASP A 37 6.71 20.49 -20.23
N SER A 38 5.48 20.94 -20.37
CA SER A 38 5.05 21.71 -21.51
C SER A 38 5.72 23.09 -21.68
N ALA A 39 6.45 23.57 -20.67
CA ALA A 39 7.10 24.88 -20.80
C ALA A 39 8.16 24.86 -21.92
N GLY A 40 7.76 25.29 -23.11
CA GLY A 40 8.64 25.31 -24.26
C GLY A 40 7.78 24.98 -25.45
N GLU A 41 8.13 25.48 -26.64
CA GLU A 41 7.37 25.22 -27.87
C GLU A 41 6.88 23.76 -27.92
N THR A 42 7.76 22.85 -27.55
CA THR A 42 7.44 21.42 -27.51
C THR A 42 7.91 20.89 -26.18
N GLY A 43 7.74 21.71 -25.15
CA GLY A 43 8.13 21.29 -23.84
C GLY A 43 9.57 21.61 -23.58
N THR A 44 10.00 21.24 -22.40
CA THR A 44 11.35 21.44 -22.04
C THR A 44 11.66 20.29 -21.12
N TYR A 45 12.93 20.08 -20.86
CA TYR A 45 13.34 19.01 -20.00
C TYR A 45 14.31 19.54 -18.97
N LYS A 46 14.70 18.68 -18.05
CA LYS A 46 15.63 19.02 -17.00
C LYS A 46 16.15 17.71 -16.43
N LEU A 47 17.42 17.43 -16.65
CA LEU A 47 17.96 16.19 -16.15
C LEU A 47 18.15 16.27 -14.64
N SER A 48 18.49 15.14 -14.02
CA SER A 48 18.67 15.10 -12.59
C SER A 48 19.63 13.98 -12.22
N ALA A 49 20.36 13.47 -13.22
CA ALA A 49 21.31 12.40 -12.94
C ALA A 49 22.53 12.43 -13.87
N PRO A 50 23.72 12.11 -13.34
CA PRO A 50 24.93 12.13 -14.15
C PRO A 50 24.87 11.18 -15.33
N TRP A 51 24.55 9.93 -15.03
CA TRP A 51 24.49 8.88 -16.04
C TRP A 51 23.45 9.09 -17.13
N VAL A 52 22.98 10.33 -17.29
CA VAL A 52 21.98 10.68 -18.30
C VAL A 52 22.56 11.68 -19.31
N GLU A 53 23.50 12.50 -18.84
CA GLU A 53 24.12 13.49 -19.69
C GLU A 53 24.81 12.82 -20.88
N GLN A 54 25.43 11.66 -20.64
CA GLN A 54 26.12 10.92 -21.68
C GLN A 54 25.34 10.81 -22.97
N GLU A 55 24.03 11.00 -22.90
CA GLU A 55 23.21 10.90 -24.09
C GLU A 55 23.35 12.08 -25.05
N GLY A 56 23.62 13.27 -24.53
CA GLY A 56 23.78 14.41 -25.42
C GLY A 56 22.53 15.27 -25.58
N PRO A 57 22.69 16.56 -25.91
CA PRO A 57 21.57 17.51 -26.10
C PRO A 57 20.64 17.12 -27.26
N GLU A 58 21.21 16.55 -28.32
CA GLU A 58 20.40 16.13 -29.46
C GLU A 58 19.39 15.08 -28.97
N TYR A 59 19.90 14.08 -28.27
CA TYR A 59 19.07 12.99 -27.76
C TYR A 59 17.94 13.49 -26.87
N TRP A 60 18.28 14.29 -25.85
CA TRP A 60 17.28 14.79 -24.91
C TRP A 60 16.28 15.74 -25.52
N ALA A 61 16.68 16.37 -26.62
CA ALA A 61 15.79 17.29 -27.32
C ALA A 61 14.72 16.45 -28.02
N ARG A 62 15.14 15.32 -28.59
CA ARG A 62 14.23 14.42 -29.28
C ARG A 62 13.32 13.70 -28.29
N GLU A 63 13.92 13.28 -27.18
CA GLU A 63 13.21 12.61 -26.13
C GLU A 63 12.08 13.56 -25.64
N THR A 64 12.36 14.86 -25.47
CA THR A 64 11.33 15.84 -25.00
C THR A 64 10.11 16.02 -25.93
N GLU A 65 10.35 16.17 -27.23
CA GLU A 65 9.24 16.34 -28.15
C GLU A 65 8.43 15.05 -28.23
N ILE A 66 9.06 13.91 -27.95
CA ILE A 66 8.30 12.65 -27.97
C ILE A 66 7.32 12.63 -26.79
N VAL A 67 7.84 13.00 -25.63
CA VAL A 67 7.07 13.04 -24.38
C VAL A 67 5.95 14.02 -24.56
N THR A 68 6.25 15.15 -25.19
CA THR A 68 5.21 16.15 -25.40
C THR A 68 4.14 15.63 -26.29
N SER A 69 4.53 14.99 -27.40
CA SER A 69 3.54 14.43 -28.33
C SER A 69 2.70 13.36 -27.61
N ASN A 70 3.33 12.57 -26.73
CA ASN A 70 2.57 11.56 -25.96
C ASN A 70 1.55 12.24 -25.06
N ALA A 71 1.99 13.33 -24.41
CA ALA A 71 1.14 14.08 -23.49
C ALA A 71 -0.08 14.66 -24.18
N GLN A 72 0.08 15.11 -25.42
CA GLN A 72 -1.02 15.66 -26.20
C GLN A 72 -1.98 14.51 -26.54
N PHE A 73 -1.43 13.37 -26.90
CA PHE A 73 -2.28 12.25 -27.25
C PHE A 73 -3.06 11.82 -26.01
N PHE A 74 -2.35 11.62 -24.91
CA PHE A 74 -2.96 11.19 -23.64
C PHE A 74 -4.12 12.07 -23.27
N ARG A 75 -3.86 13.37 -23.30
CA ARG A 75 -4.84 14.39 -22.95
C ARG A 75 -6.05 14.38 -23.91
N GLU A 76 -5.79 14.28 -25.21
CA GLU A 76 -6.88 14.27 -26.19
C GLU A 76 -7.88 13.12 -26.05
N ASN A 77 -7.42 11.94 -25.63
CA ASN A 77 -8.35 10.84 -25.49
C ASN A 77 -9.37 11.06 -24.40
N LEU A 78 -9.14 12.07 -23.56
CA LEU A 78 -10.12 12.39 -22.50
C LEU A 78 -11.47 12.64 -23.15
N GLN A 79 -11.45 13.28 -24.31
CA GLN A 79 -12.66 13.63 -25.05
C GLN A 79 -13.66 12.47 -25.26
N THR A 80 -13.14 11.28 -25.52
CA THR A 80 -13.98 10.10 -25.71
C THR A 80 -14.86 9.89 -24.48
N MET A 81 -14.23 10.04 -23.31
CA MET A 81 -14.90 9.87 -22.04
C MET A 81 -15.91 11.00 -21.76
N LEU A 82 -15.59 12.23 -22.16
CA LEU A 82 -16.51 13.34 -21.94
C LEU A 82 -17.74 13.25 -22.83
N ASP A 83 -17.58 12.79 -24.07
CA ASP A 83 -18.71 12.67 -24.98
C ASP A 83 -19.64 11.51 -24.54
N TYR A 84 -19.06 10.41 -24.09
CA TYR A 84 -19.88 9.29 -23.67
C TYR A 84 -20.77 9.65 -22.48
N TYR A 85 -20.18 10.22 -21.43
CA TYR A 85 -20.98 10.60 -20.26
C TYR A 85 -21.50 12.02 -20.41
N ASN A 86 -21.36 12.57 -21.61
CA ASN A 86 -21.78 13.93 -21.93
C ASN A 86 -21.50 14.94 -20.83
N LEU A 87 -20.22 15.18 -20.58
CA LEU A 87 -19.78 16.15 -19.59
C LEU A 87 -19.41 17.39 -20.42
N SER A 88 -19.32 18.55 -19.77
CA SER A 88 -18.96 19.77 -20.49
C SER A 88 -17.48 19.75 -20.78
N GLN A 89 -17.09 20.40 -21.88
CA GLN A 89 -15.68 20.44 -22.31
C GLN A 89 -14.85 21.53 -21.63
N ASN A 90 -15.52 22.54 -21.05
CA ASN A 90 -14.81 23.64 -20.39
C ASN A 90 -14.51 23.24 -18.96
N GLY A 91 -15.11 22.12 -18.53
CA GLY A 91 -14.87 21.64 -17.19
C GLY A 91 -13.42 21.24 -17.06
N SER A 92 -12.96 21.13 -15.82
CA SER A 92 -11.58 20.76 -15.53
C SER A 92 -11.51 19.25 -15.26
N HIS A 93 -10.42 18.61 -15.66
CA HIS A 93 -10.27 17.19 -15.46
C HIS A 93 -8.79 16.89 -15.39
N THR A 94 -8.44 15.72 -14.87
CA THR A 94 -7.03 15.32 -14.76
C THR A 94 -6.75 14.03 -15.53
N ILE A 95 -5.61 13.99 -16.22
CA ILE A 95 -5.26 12.79 -16.96
C ILE A 95 -3.90 12.32 -16.44
N GLN A 96 -3.82 11.06 -16.03
CA GLN A 96 -2.54 10.56 -15.58
C GLN A 96 -2.16 9.32 -16.36
N VAL A 97 -0.90 9.19 -16.71
CA VAL A 97 -0.48 8.01 -17.43
C VAL A 97 0.87 7.55 -16.89
N MET A 98 0.99 6.27 -16.62
CA MET A 98 2.27 5.71 -16.22
C MET A 98 2.54 4.53 -17.19
N TYR A 99 3.74 4.48 -17.77
CA TYR A 99 4.13 3.37 -18.65
C TYR A 99 5.61 3.09 -18.33
N GLY A 100 6.09 1.91 -18.69
CA GLY A 100 7.46 1.57 -18.41
C GLY A 100 7.70 0.11 -18.62
N CYS A 101 8.93 -0.32 -18.34
CA CYS A 101 9.30 -1.70 -18.51
C CYS A 101 10.28 -2.02 -17.39
N GLU A 102 10.45 -3.30 -17.12
CA GLU A 102 11.34 -3.74 -16.07
C GLU A 102 12.08 -4.97 -16.56
N VAL A 103 13.26 -5.19 -15.99
CA VAL A 103 14.01 -6.37 -16.33
C VAL A 103 14.49 -6.98 -15.03
N GLU A 104 14.64 -8.30 -15.06
CA GLU A 104 15.12 -9.05 -13.90
C GLU A 104 16.29 -9.82 -14.47
N PHE A 105 17.49 -9.26 -14.36
CA PHE A 105 18.66 -9.94 -14.89
C PHE A 105 18.66 -11.41 -14.49
N PHE A 106 18.20 -11.69 -13.28
CA PHE A 106 18.11 -13.05 -12.74
C PHE A 106 16.88 -13.71 -13.39
N GLY A 107 17.13 -14.55 -14.38
CA GLY A 107 16.04 -15.19 -15.08
C GLY A 107 15.63 -14.27 -16.22
N SER A 108 16.44 -13.25 -16.46
CA SER A 108 16.23 -12.23 -17.48
C SER A 108 14.77 -11.97 -17.87
N LEU A 109 13.93 -11.90 -16.85
CA LEU A 109 12.51 -11.65 -17.01
C LEU A 109 12.31 -10.22 -17.52
N PHE A 110 11.30 -10.01 -18.35
CA PHE A 110 11.00 -8.69 -18.85
C PHE A 110 9.51 -8.50 -18.71
N ARG A 111 9.11 -7.30 -18.34
CA ARG A 111 7.70 -7.00 -18.23
C ARG A 111 7.53 -5.52 -18.58
N ALA A 112 6.34 -5.14 -19.00
CA ALA A 112 6.05 -3.76 -19.36
C ALA A 112 4.60 -3.45 -19.04
N TYR A 113 4.22 -2.18 -19.14
CA TYR A 113 2.85 -1.77 -18.83
C TYR A 113 2.61 -0.36 -19.24
N GLU A 114 1.34 -0.01 -19.35
CA GLU A 114 0.93 1.34 -19.69
C GLU A 114 -0.49 1.48 -19.16
N GLN A 115 -0.70 2.39 -18.20
CA GLN A 115 -2.03 2.60 -17.60
C GLN A 115 -2.49 4.04 -17.60
N HIS A 116 -3.74 4.25 -18.01
CA HIS A 116 -4.30 5.59 -18.08
C HIS A 116 -5.39 5.70 -17.05
N GLY A 117 -5.42 6.86 -16.39
CA GLY A 117 -6.44 7.13 -15.39
C GLY A 117 -6.96 8.53 -15.60
N TYR A 118 -8.28 8.68 -15.56
CA TYR A 118 -8.90 9.99 -15.74
C TYR A 118 -9.56 10.38 -14.42
N ASP A 119 -9.36 11.64 -14.01
CA ASP A 119 -9.92 12.15 -12.77
C ASP A 119 -9.67 11.24 -11.56
N GLY A 120 -8.42 10.79 -11.41
CA GLY A 120 -8.05 9.95 -10.29
C GLY A 120 -8.56 8.50 -10.28
N GLN A 121 -9.17 8.03 -11.36
CA GLN A 121 -9.70 6.67 -11.44
C GLN A 121 -9.19 5.88 -12.65
N ASP A 122 -9.16 4.55 -12.53
CA ASP A 122 -8.71 3.72 -13.65
C ASP A 122 -9.54 4.02 -14.88
N TYR A 123 -8.95 3.89 -16.07
CA TYR A 123 -9.68 4.10 -17.32
C TYR A 123 -9.31 2.95 -18.25
N ILE A 124 -8.03 2.80 -18.57
CA ILE A 124 -7.62 1.71 -19.43
C ILE A 124 -6.18 1.35 -19.14
N ALA A 125 -5.88 0.07 -19.21
CA ALA A 125 -4.53 -0.40 -18.90
C ALA A 125 -4.10 -1.48 -19.87
N LEU A 126 -2.83 -1.47 -20.27
CA LEU A 126 -2.33 -2.50 -21.17
C LEU A 126 -2.11 -3.82 -20.42
N ASN A 127 -2.51 -4.93 -21.04
CA ASN A 127 -2.36 -6.26 -20.43
C ASN A 127 -0.95 -6.76 -20.59
N GLU A 128 -0.59 -7.74 -19.76
CA GLU A 128 0.75 -8.30 -19.77
C GLU A 128 1.21 -8.77 -21.12
N ASP A 129 0.30 -9.15 -22.01
CA ASP A 129 0.71 -9.61 -23.34
C ASP A 129 1.09 -8.46 -24.28
N LEU A 130 0.85 -7.22 -23.85
CA LEU A 130 1.20 -6.06 -24.69
C LEU A 130 0.47 -6.13 -26.03
N LYS A 131 -0.69 -6.77 -26.04
CA LYS A 131 -1.46 -6.90 -27.27
C LYS A 131 -2.93 -6.59 -27.05
N THR A 132 -3.36 -6.52 -25.80
CA THR A 132 -4.75 -6.22 -25.50
C THR A 132 -4.87 -5.24 -24.32
N TRP A 133 -6.04 -4.62 -24.17
CA TRP A 133 -6.28 -3.66 -23.09
C TRP A 133 -7.47 -4.04 -22.23
N THR A 134 -7.38 -3.65 -20.96
CA THR A 134 -8.45 -3.84 -19.97
C THR A 134 -9.08 -2.45 -19.83
N ALA A 135 -10.39 -2.35 -20.02
CA ALA A 135 -11.18 -1.11 -19.95
C ALA A 135 -11.87 -1.05 -18.60
N ALA A 136 -11.80 0.08 -17.92
CA ALA A 136 -12.40 0.23 -16.60
C ALA A 136 -13.87 0.61 -16.63
N ASP A 137 -14.29 1.36 -17.64
CA ASP A 137 -15.71 1.70 -17.76
C ASP A 137 -16.12 1.55 -19.22
N MET A 138 -17.35 1.95 -19.56
CA MET A 138 -17.84 1.82 -20.93
C MET A 138 -17.13 2.73 -21.94
N ALA A 139 -16.83 3.97 -21.55
CA ALA A 139 -16.13 4.92 -22.44
C ALA A 139 -14.79 4.34 -22.84
N ALA A 140 -14.09 3.72 -21.88
CA ALA A 140 -12.81 3.13 -22.19
C ALA A 140 -12.94 1.99 -23.22
N GLU A 141 -14.13 1.42 -23.34
CA GLU A 141 -14.32 0.35 -24.34
C GLU A 141 -14.30 0.98 -25.72
N ILE A 142 -14.75 2.21 -25.79
CA ILE A 142 -14.72 2.92 -27.06
C ILE A 142 -13.25 3.21 -27.39
N THR A 143 -12.51 3.69 -26.38
CA THR A 143 -11.10 4.04 -26.58
C THR A 143 -10.37 2.77 -27.05
N ARG A 144 -10.64 1.63 -26.40
CA ARG A 144 -9.97 0.37 -26.79
C ARG A 144 -10.14 0.05 -28.28
N SER A 145 -11.37 0.21 -28.78
CA SER A 145 -11.70 -0.06 -30.19
C SER A 145 -10.84 0.84 -31.08
N LYS A 146 -10.89 2.15 -30.77
CA LYS A 146 -10.13 3.15 -31.51
C LYS A 146 -8.65 2.83 -31.56
N TRP A 147 -8.06 2.47 -30.43
CA TRP A 147 -6.62 2.18 -30.45
C TRP A 147 -6.17 0.95 -31.23
N GLU A 148 -7.00 -0.08 -31.24
CA GLU A 148 -6.63 -1.31 -31.97
C GLU A 148 -6.74 -0.99 -33.45
N GLN A 149 -7.84 -0.32 -33.79
CA GLN A 149 -8.11 0.10 -35.15
C GLN A 149 -6.96 0.97 -35.64
N ALA A 150 -6.46 1.84 -34.77
CA ALA A 150 -5.39 2.76 -35.15
C ALA A 150 -4.00 2.17 -35.10
N GLY A 151 -3.85 1.00 -34.49
CA GLY A 151 -2.51 0.44 -34.40
C GLY A 151 -1.74 1.01 -33.22
N TYR A 152 -2.44 1.67 -32.31
CA TYR A 152 -1.73 2.26 -31.14
C TYR A 152 -1.08 1.16 -30.27
N THR A 153 -1.77 0.05 -30.07
CA THR A 153 -1.22 -1.02 -29.25
C THR A 153 0.16 -1.54 -29.70
N GLU A 154 0.32 -1.75 -31.01
CA GLU A 154 1.59 -2.28 -31.51
C GLU A 154 2.74 -1.26 -31.42
N LEU A 155 2.41 0.01 -31.62
CA LEU A 155 3.40 1.10 -31.53
C LEU A 155 4.00 1.03 -30.13
N ARG A 156 3.13 0.95 -29.12
CA ARG A 156 3.53 0.88 -27.71
C ARG A 156 4.30 -0.40 -27.36
N ARG A 157 3.85 -1.52 -27.89
CA ARG A 157 4.57 -2.75 -27.62
C ARG A 157 5.98 -2.63 -28.19
N THR A 158 6.09 -2.07 -29.38
CA THR A 158 7.39 -1.87 -30.04
C THR A 158 8.25 -0.91 -29.18
N TYR A 159 7.65 0.16 -28.70
CA TYR A 159 8.43 1.07 -27.86
C TYR A 159 8.82 0.37 -26.55
N LEU A 160 7.88 -0.31 -25.92
CA LEU A 160 8.18 -0.98 -24.64
C LEU A 160 9.26 -2.06 -24.70
N GLU A 161 9.26 -2.87 -25.75
CA GLU A 161 10.22 -3.96 -25.88
C GLU A 161 11.49 -3.48 -26.59
N GLY A 162 11.42 -2.31 -27.19
CA GLY A 162 12.56 -1.80 -27.91
C GLY A 162 13.32 -0.69 -27.22
N PRO A 163 12.99 0.57 -27.51
CA PRO A 163 13.74 1.64 -26.82
C PRO A 163 13.61 1.72 -25.29
N CYS A 164 12.42 1.43 -24.74
CA CYS A 164 12.26 1.48 -23.28
C CYS A 164 13.26 0.51 -22.65
N LYS A 165 13.27 -0.73 -23.12
CA LYS A 165 14.19 -1.75 -22.63
C LYS A 165 15.65 -1.37 -22.92
N ASP A 166 15.90 -0.90 -24.14
CA ASP A 166 17.26 -0.52 -24.50
C ASP A 166 17.74 0.61 -23.58
N SER A 167 16.89 1.60 -23.38
CA SER A 167 17.21 2.74 -22.51
C SER A 167 17.45 2.32 -21.06
N LEU A 168 16.69 1.34 -20.58
CA LEU A 168 16.85 0.86 -19.21
C LEU A 168 18.22 0.19 -19.03
N LEU A 169 18.60 -0.68 -19.95
CA LEU A 169 19.89 -1.38 -19.86
C LEU A 169 21.08 -0.43 -20.04
N ARG A 170 20.88 0.60 -20.83
CA ARG A 170 21.92 1.58 -21.07
C ARG A 170 22.07 2.42 -19.82
N TYR A 171 21.00 3.15 -19.49
CA TYR A 171 20.97 4.00 -18.30
C TYR A 171 21.54 3.24 -17.12
N LEU A 172 21.31 1.94 -17.09
CA LEU A 172 21.82 1.11 -16.01
C LEU A 172 23.34 0.98 -16.09
N GLU A 173 23.84 0.66 -17.29
CA GLU A 173 25.29 0.52 -17.50
C GLU A 173 25.93 1.82 -17.04
N ASN A 174 25.32 2.93 -17.46
CA ASN A 174 25.80 4.25 -17.12
C ASN A 174 25.95 4.45 -15.61
N ARG A 175 24.87 4.20 -14.89
CA ARG A 175 24.87 4.36 -13.44
C ARG A 175 25.95 3.53 -12.76
N LYS A 176 26.18 2.31 -13.22
CA LYS A 176 27.20 1.48 -12.59
C LYS A 176 28.51 2.25 -12.57
N LYS A 177 28.63 3.20 -13.48
CA LYS A 177 29.83 4.01 -13.58
C LYS A 177 30.05 4.93 -12.38
N THR A 178 29.10 5.82 -12.12
CA THR A 178 29.22 6.76 -11.00
C THR A 178 28.67 6.28 -9.65
N GLN A 179 27.35 6.07 -9.54
CA GLN A 179 26.75 5.63 -8.27
C GLN A 179 26.95 4.14 -8.03
N GLU A 180 27.11 3.75 -6.77
CA GLU A 180 27.34 2.35 -6.43
C GLU A 180 26.08 1.51 -6.58
N CYS A 181 26.29 0.19 -6.56
CA CYS A 181 25.21 -0.80 -6.69
C CYS A 181 23.93 -0.34 -6.00
N THR A 182 23.91 -0.48 -4.67
CA THR A 182 22.78 -0.09 -3.86
C THR A 182 23.26 0.86 -2.76
N ASP A 183 22.43 1.08 -1.75
CA ASP A 183 22.77 1.96 -0.63
C ASP A 183 22.20 1.37 0.64
N PRO A 184 23.05 0.69 1.41
CA PRO A 184 22.66 0.04 2.67
C PRO A 184 22.06 0.97 3.71
N PRO A 185 21.14 0.45 4.53
CA PRO A 185 20.53 1.30 5.55
C PRO A 185 21.36 1.34 6.82
N LYS A 186 21.41 2.52 7.43
CA LYS A 186 22.08 2.74 8.70
C LYS A 186 20.93 2.51 9.67
N THR A 187 21.16 1.72 10.70
CA THR A 187 20.09 1.38 11.61
C THR A 187 20.43 1.58 13.07
N HIS A 188 19.39 1.78 13.86
CA HIS A 188 19.54 1.99 15.30
C HIS A 188 18.12 2.01 15.89
N VAL A 189 18.00 1.77 17.19
CA VAL A 189 16.66 1.77 17.74
C VAL A 189 16.47 2.71 18.91
N THR A 190 15.44 3.51 18.82
CA THR A 190 15.08 4.47 19.87
C THR A 190 13.96 3.88 20.71
N HIS A 191 13.60 4.60 21.77
CA HIS A 191 12.53 4.14 22.64
C HIS A 191 11.67 5.35 22.88
N HIS A 192 10.62 5.15 23.65
CA HIS A 192 9.75 6.25 23.99
C HIS A 192 8.75 5.87 25.06
N ALA A 193 8.79 6.66 26.14
CA ALA A 193 7.91 6.47 27.28
C ALA A 193 6.50 6.64 26.77
N ARG A 194 5.69 5.59 26.92
CA ARG A 194 4.33 5.63 26.45
C ARG A 194 3.43 6.17 27.56
N PRO A 195 2.76 7.30 27.32
CA PRO A 195 1.87 7.93 28.31
C PRO A 195 0.91 6.93 28.95
N GLU A 196 0.64 5.84 28.25
CA GLU A 196 -0.27 4.82 28.79
C GLU A 196 0.47 3.68 29.49
N GLY A 197 1.75 3.88 29.76
CA GLY A 197 2.52 2.84 30.42
C GLY A 197 3.30 1.98 29.44
N ASP A 198 4.36 1.35 29.92
CA ASP A 198 5.22 0.50 29.09
C ASP A 198 6.01 1.37 28.12
N VAL A 199 6.65 0.72 27.14
CA VAL A 199 7.45 1.44 26.18
C VAL A 199 7.25 1.06 24.72
N THR A 200 7.65 2.00 23.88
CA THR A 200 7.60 1.83 22.44
C THR A 200 9.04 1.71 21.97
N LEU A 201 9.37 0.61 21.34
CA LEU A 201 10.72 0.45 20.81
C LEU A 201 10.56 0.79 19.34
N ARG A 202 11.40 1.69 18.84
CA ARG A 202 11.33 2.11 17.45
C ARG A 202 12.62 1.78 16.70
N CYS A 203 12.48 1.00 15.64
CA CYS A 203 13.59 0.57 14.79
C CYS A 203 13.64 1.41 13.52
N TRP A 204 14.74 2.17 13.38
CA TRP A 204 14.93 3.07 12.25
C TRP A 204 15.87 2.54 11.17
N ALA A 205 15.58 2.89 9.93
CA ALA A 205 16.42 2.50 8.79
C ALA A 205 16.51 3.80 8.00
N LEU A 206 17.71 4.30 7.81
CA LEU A 206 17.88 5.55 7.09
C LEU A 206 18.95 5.51 6.03
N GLY A 207 18.80 6.40 5.06
CA GLY A 207 19.74 6.49 3.96
C GLY A 207 19.87 5.25 3.09
N PHE A 208 18.77 4.51 2.89
CA PHE A 208 18.90 3.33 2.07
C PHE A 208 18.46 3.55 0.64
N TYR A 209 18.89 2.64 -0.22
CA TYR A 209 18.53 2.68 -1.64
C TYR A 209 18.72 1.28 -2.20
N PRO A 210 17.75 0.80 -2.99
CA PRO A 210 16.51 1.46 -3.39
C PRO A 210 15.51 1.55 -2.21
N ALA A 211 14.32 2.09 -2.48
CA ALA A 211 13.28 2.29 -1.48
C ALA A 211 12.65 1.04 -0.88
N HIS A 212 12.71 -0.07 -1.58
CA HIS A 212 12.14 -1.29 -1.06
C HIS A 212 12.92 -1.76 0.16
N ILE A 213 12.22 -2.08 1.24
CA ILE A 213 12.86 -2.56 2.46
C ILE A 213 11.81 -3.24 3.35
N THR A 214 12.25 -4.06 4.28
CA THR A 214 11.36 -4.72 5.23
C THR A 214 11.95 -4.57 6.64
N LEU A 215 11.16 -4.01 7.56
CA LEU A 215 11.58 -3.82 8.94
C LEU A 215 10.63 -4.60 9.81
N THR A 216 11.19 -5.53 10.57
CA THR A 216 10.39 -6.39 11.42
C THR A 216 10.91 -6.46 12.86
N TRP A 217 9.99 -6.76 13.77
CA TRP A 217 10.28 -6.93 15.19
C TRP A 217 9.98 -8.38 15.54
N GLN A 218 10.86 -9.00 16.32
CA GLN A 218 10.64 -10.36 16.74
C GLN A 218 10.76 -10.53 18.25
N LEU A 219 10.15 -11.59 18.75
CA LEU A 219 10.21 -11.98 20.15
C LEU A 219 10.35 -13.51 20.14
N ASN A 220 11.45 -14.02 20.68
CA ASN A 220 11.65 -15.46 20.71
C ASN A 220 11.42 -16.04 19.31
N GLY A 221 11.99 -15.38 18.31
CA GLY A 221 11.88 -15.86 16.93
C GLY A 221 10.58 -15.68 16.15
N GLU A 222 9.55 -15.06 16.73
CA GLU A 222 8.29 -14.87 16.03
C GLU A 222 8.11 -13.44 15.50
N GLU A 223 7.69 -13.28 14.25
CA GLU A 223 7.44 -11.95 13.66
C GLU A 223 6.16 -11.32 14.28
N LEU A 224 6.29 -10.20 14.98
CA LEU A 224 5.16 -9.55 15.64
C LEU A 224 4.41 -8.70 14.60
N ILE A 225 3.85 -9.37 13.61
CA ILE A 225 3.17 -8.69 12.53
C ILE A 225 1.98 -7.86 12.94
N GLN A 226 1.28 -8.24 14.02
CA GLN A 226 0.14 -7.47 14.43
C GLN A 226 0.35 -6.46 15.55
N ASP A 227 1.56 -6.39 16.12
CA ASP A 227 1.84 -5.40 17.16
C ASP A 227 2.90 -4.43 16.62
N THR A 228 3.12 -4.48 15.32
CA THR A 228 4.12 -3.63 14.70
C THR A 228 3.50 -2.47 13.96
N GLU A 229 3.96 -1.26 14.29
CA GLU A 229 3.48 -0.07 13.60
C GLU A 229 4.56 0.35 12.60
N LEU A 230 4.18 0.50 11.33
CA LEU A 230 5.11 0.94 10.29
C LEU A 230 4.70 2.28 9.69
N VAL A 231 5.65 3.17 9.38
CA VAL A 231 5.24 4.39 8.70
C VAL A 231 5.53 4.15 7.23
N GLU A 232 4.89 4.93 6.37
CA GLU A 232 5.09 4.83 4.94
C GLU A 232 6.58 5.12 4.63
N THR A 233 7.17 4.36 3.73
CA THR A 233 8.56 4.62 3.38
C THR A 233 8.60 6.06 2.85
N ARG A 234 9.62 6.81 3.22
CA ARG A 234 9.68 8.23 2.87
C ARG A 234 11.06 8.71 2.41
N PRO A 235 11.09 9.72 1.54
CA PRO A 235 12.36 10.27 1.02
C PRO A 235 13.20 11.10 2.01
N ALA A 236 14.49 10.78 2.11
CA ALA A 236 15.39 11.53 2.98
C ALA A 236 15.62 12.90 2.35
N GLY A 237 15.44 12.99 1.04
CA GLY A 237 15.60 14.26 0.36
C GLY A 237 16.84 14.33 -0.50
N ASP A 238 17.75 13.41 -0.24
CA ASP A 238 19.02 13.37 -0.94
C ASP A 238 19.11 12.13 -1.83
N GLY A 239 17.97 11.69 -2.37
CA GLY A 239 17.95 10.51 -3.22
C GLY A 239 17.94 9.23 -2.41
N THR A 240 17.93 9.38 -1.08
CA THR A 240 17.92 8.23 -0.22
C THR A 240 16.58 8.13 0.54
N PHE A 241 16.28 6.97 1.11
CA PHE A 241 15.01 6.82 1.84
C PHE A 241 15.17 6.42 3.32
N GLN A 242 14.05 6.47 4.03
CA GLN A 242 13.97 6.12 5.45
C GLN A 242 12.66 5.51 5.86
N LYS A 243 12.71 4.75 6.95
CA LYS A 243 11.53 4.10 7.47
C LYS A 243 11.81 3.66 8.90
N TRP A 244 10.75 3.45 9.66
CA TRP A 244 10.91 2.89 10.99
C TRP A 244 9.75 1.97 11.33
N ALA A 245 10.01 1.06 12.24
CA ALA A 245 9.01 0.13 12.70
C ALA A 245 9.02 0.23 14.22
N ALA A 246 7.83 0.32 14.80
CA ALA A 246 7.72 0.41 16.26
C ALA A 246 6.88 -0.74 16.80
N VAL A 247 7.13 -1.08 18.06
CA VAL A 247 6.42 -2.13 18.77
C VAL A 247 6.28 -1.67 20.20
N VAL A 248 5.14 -1.93 20.81
CA VAL A 248 4.94 -1.54 22.19
C VAL A 248 5.32 -2.78 23.02
N VAL A 249 6.27 -2.63 23.93
CA VAL A 249 6.71 -3.75 24.74
C VAL A 249 6.37 -3.53 26.22
N PRO A 250 6.11 -4.62 26.94
CA PRO A 250 5.79 -4.45 28.36
C PRO A 250 7.05 -4.06 29.14
N SER A 251 6.90 -3.10 30.07
CA SER A 251 8.00 -2.58 30.88
C SER A 251 8.95 -3.66 31.38
N GLY A 252 10.25 -3.42 31.25
CA GLY A 252 11.23 -4.41 31.72
C GLY A 252 11.55 -5.56 30.76
N GLU A 253 10.73 -5.74 29.72
CA GLU A 253 10.93 -6.82 28.76
C GLU A 253 11.56 -6.37 27.43
N GLU A 254 12.21 -5.20 27.44
CA GLU A 254 12.84 -4.66 26.24
C GLU A 254 13.88 -5.56 25.61
N GLN A 255 14.83 -6.01 26.43
CA GLN A 255 15.92 -6.84 25.94
C GLN A 255 15.51 -8.13 25.23
N LYS A 256 14.23 -8.50 25.34
CA LYS A 256 13.75 -9.71 24.68
C LYS A 256 13.47 -9.48 23.18
N TYR A 257 13.30 -8.22 22.79
CA TYR A 257 12.96 -7.90 21.39
C TYR A 257 14.10 -7.54 20.48
N THR A 258 14.02 -8.04 19.24
CA THR A 258 15.03 -7.78 18.22
C THR A 258 14.41 -7.32 16.92
N CYS A 259 15.07 -6.36 16.28
CA CYS A 259 14.62 -5.85 15.01
C CYS A 259 15.39 -6.45 13.83
N HIS A 260 14.66 -6.87 12.81
CA HIS A 260 15.25 -7.44 11.61
C HIS A 260 15.02 -6.50 10.42
N VAL A 261 16.11 -6.19 9.72
CA VAL A 261 16.13 -5.30 8.58
C VAL A 261 16.52 -6.10 7.35
N TYR A 262 15.66 -6.12 6.35
CA TYR A 262 15.94 -6.84 5.11
C TYR A 262 16.03 -5.83 4.02
N HIS A 263 17.13 -5.86 3.28
CA HIS A 263 17.35 -4.90 2.22
C HIS A 263 18.35 -5.41 1.20
N GLU A 264 18.14 -5.12 -0.07
CA GLU A 264 19.06 -5.65 -1.05
C GLU A 264 20.51 -5.12 -0.99
N GLY A 265 20.72 -4.01 -0.30
CA GLY A 265 22.07 -3.48 -0.15
C GLY A 265 22.73 -4.02 1.11
N LEU A 266 22.27 -5.19 1.53
CA LEU A 266 22.78 -5.89 2.71
C LEU A 266 22.94 -7.35 2.30
N PRO A 267 24.17 -7.84 2.25
CA PRO A 267 24.36 -9.24 1.85
C PRO A 267 23.57 -10.19 2.74
N GLU A 268 23.15 -9.68 3.89
CA GLU A 268 22.41 -10.47 4.88
C GLU A 268 21.56 -9.54 5.77
N PRO A 269 20.39 -10.03 6.26
CA PRO A 269 19.50 -9.24 7.11
C PRO A 269 20.19 -8.76 8.39
N LEU A 270 19.94 -7.51 8.75
CA LEU A 270 20.49 -6.90 9.95
C LEU A 270 19.58 -7.19 11.15
N THR A 271 20.18 -7.54 12.27
CA THR A 271 19.46 -7.80 13.52
C THR A 271 19.97 -6.79 14.57
N LEU A 272 19.04 -6.05 15.15
CA LEU A 272 19.36 -5.04 16.18
C LEU A 272 18.53 -5.30 17.41
N ARG A 273 19.16 -5.21 18.58
CA ARG A 273 18.45 -5.37 19.82
C ARG A 273 18.29 -4.00 20.45
N TRP A 274 17.39 -3.91 21.43
CA TRP A 274 17.22 -2.66 22.12
C TRP A 274 18.54 -2.38 22.88
N ILE B 1 -13.83 10.88 -5.80
CA ILE B 1 -13.27 11.84 -6.78
C ILE B 1 -12.04 12.51 -6.16
N GLN B 2 -12.09 12.75 -4.86
CA GLN B 2 -10.94 13.33 -4.21
C GLN B 2 -10.60 12.66 -2.88
N LYS B 3 -9.30 12.48 -2.66
CA LYS B 3 -8.75 11.83 -1.48
C LYS B 3 -8.03 12.87 -0.61
N THR B 4 -7.96 12.62 0.70
CA THR B 4 -7.31 13.58 1.57
C THR B 4 -5.84 13.29 1.85
N PRO B 5 -5.01 14.34 1.90
CA PRO B 5 -3.56 14.33 2.15
C PRO B 5 -3.11 13.67 3.46
N GLN B 6 -2.11 12.80 3.38
CA GLN B 6 -1.53 12.17 4.58
C GLN B 6 -0.24 12.97 4.68
N ILE B 7 0.20 13.33 5.90
CA ILE B 7 1.40 14.13 6.04
C ILE B 7 2.45 13.54 6.98
N GLN B 8 3.72 13.60 6.58
CA GLN B 8 4.78 13.17 7.48
C GLN B 8 5.74 14.35 7.55
N VAL B 9 6.19 14.67 8.76
CA VAL B 9 7.12 15.75 9.02
C VAL B 9 8.31 15.16 9.78
N TYR B 10 9.49 15.27 9.18
CA TYR B 10 10.65 14.65 9.79
C TYR B 10 11.92 15.26 9.24
N SER B 11 13.04 14.79 9.78
CA SER B 11 14.32 15.31 9.39
C SER B 11 15.15 14.34 8.55
N ARG B 12 16.05 14.89 7.75
CA ARG B 12 16.91 14.07 6.91
C ARG B 12 17.81 13.23 7.77
N HIS B 13 18.39 13.83 8.80
CA HIS B 13 19.29 13.09 9.69
C HIS B 13 18.83 13.11 11.11
N PRO B 14 19.30 12.12 11.92
CA PRO B 14 18.93 12.00 13.34
C PRO B 14 19.09 13.38 13.95
N PRO B 15 18.02 13.93 14.54
CA PRO B 15 18.03 15.26 15.15
C PRO B 15 18.97 15.41 16.34
N GLU B 16 19.58 16.59 16.47
CA GLU B 16 20.50 16.85 17.55
C GLU B 16 20.42 18.31 17.97
N ASN B 17 19.88 18.52 19.15
CA ASN B 17 19.69 19.84 19.74
C ASN B 17 20.83 20.79 19.39
N GLY B 18 20.49 21.89 18.73
CA GLY B 18 21.48 22.87 18.34
C GLY B 18 22.14 22.67 16.99
N LYS B 19 22.42 21.42 16.63
CA LYS B 19 23.07 21.09 15.36
C LYS B 19 22.13 21.27 14.16
N PRO B 20 22.63 21.90 13.08
CA PRO B 20 21.89 22.16 11.82
C PRO B 20 21.40 20.88 11.13
N ASN B 21 20.30 21.00 10.35
CA ASN B 21 19.67 19.83 9.71
C ASN B 21 18.73 20.29 8.59
N ILE B 22 17.95 19.33 8.07
CA ILE B 22 16.96 19.57 7.01
C ILE B 22 15.56 19.02 7.38
N LEU B 23 14.55 19.85 7.22
CA LEU B 23 13.20 19.44 7.55
C LEU B 23 12.39 19.09 6.32
N ASN B 24 11.83 17.89 6.33
CA ASN B 24 11.01 17.42 5.23
C ASN B 24 9.55 17.37 5.58
N CYS B 25 8.75 17.64 4.56
CA CYS B 25 7.32 17.55 4.71
C CYS B 25 6.84 16.76 3.50
N TYR B 26 6.51 15.51 3.75
CA TYR B 26 6.07 14.60 2.68
C TYR B 26 4.53 14.51 2.68
N VAL B 27 3.90 15.00 1.61
CA VAL B 27 2.44 15.01 1.49
C VAL B 27 2.03 13.95 0.45
N THR B 28 1.18 13.00 0.84
CA THR B 28 0.76 11.90 -0.04
C THR B 28 -0.74 11.60 -0.03
N GLN B 29 -1.13 10.69 -0.91
CA GLN B 29 -2.51 10.24 -0.99
C GLN B 29 -3.56 11.29 -1.33
N PHE B 30 -3.19 12.34 -2.06
CA PHE B 30 -4.19 13.36 -2.36
C PHE B 30 -4.59 13.48 -3.84
N HIS B 31 -5.78 14.03 -4.05
CA HIS B 31 -6.32 14.26 -5.39
C HIS B 31 -7.48 15.23 -5.27
N PRO B 32 -7.58 16.20 -6.20
CA PRO B 32 -6.74 16.51 -7.36
C PRO B 32 -5.33 16.92 -6.99
N PRO B 33 -4.46 17.11 -8.00
CA PRO B 33 -3.08 17.50 -7.70
C PRO B 33 -2.86 18.94 -7.22
N HIS B 34 -3.84 19.82 -7.34
CA HIS B 34 -3.65 21.21 -6.90
C HIS B 34 -3.50 21.32 -5.37
N ILE B 35 -2.31 21.71 -4.90
CA ILE B 35 -2.13 21.80 -3.46
C ILE B 35 -1.27 22.97 -2.96
N GLU B 36 -1.41 23.26 -1.67
CA GLU B 36 -0.64 24.33 -1.03
C GLU B 36 0.00 23.79 0.25
N ILE B 37 1.33 23.77 0.24
CA ILE B 37 2.17 23.27 1.33
C ILE B 37 3.02 24.39 1.96
N GLN B 38 2.91 24.57 3.27
CA GLN B 38 3.68 25.59 3.98
C GLN B 38 4.44 25.03 5.15
N MET B 39 5.74 25.33 5.21
CA MET B 39 6.59 24.90 6.32
C MET B 39 6.74 26.11 7.28
N LEU B 40 6.43 25.91 8.55
CA LEU B 40 6.44 27.01 9.53
C LEU B 40 7.47 26.95 10.67
N LYS B 41 7.83 28.13 11.18
CA LYS B 41 8.76 28.29 12.31
C LYS B 41 8.02 28.99 13.46
N ASN B 42 7.78 28.26 14.54
CA ASN B 42 7.09 28.80 15.70
C ASN B 42 5.74 29.40 15.32
N GLY B 43 5.13 28.85 14.29
CA GLY B 43 3.85 29.34 13.82
C GLY B 43 4.03 30.36 12.71
N LYS B 44 5.28 30.73 12.45
CA LYS B 44 5.58 31.73 11.42
C LYS B 44 6.03 31.09 10.12
N LYS B 45 5.15 31.14 9.12
CA LYS B 45 5.42 30.57 7.80
C LYS B 45 6.85 30.78 7.33
N ILE B 46 7.57 29.68 7.16
CA ILE B 46 8.96 29.72 6.71
C ILE B 46 8.99 30.17 5.25
N PRO B 47 10.05 30.90 4.84
CA PRO B 47 10.19 31.39 3.47
C PRO B 47 10.40 30.34 2.37
N LYS B 48 11.34 30.66 1.49
CA LYS B 48 11.71 29.84 0.35
C LYS B 48 11.91 28.33 0.61
N VAL B 49 10.84 27.57 0.49
CA VAL B 49 10.90 26.12 0.69
C VAL B 49 10.86 25.39 -0.64
N GLU B 50 11.86 24.55 -0.89
CA GLU B 50 11.97 23.80 -2.12
C GLU B 50 10.98 22.65 -2.16
N MET B 51 10.58 22.28 -3.38
CA MET B 51 9.62 21.20 -3.60
C MET B 51 10.17 20.26 -4.66
N SER B 52 9.73 19.01 -4.64
CA SER B 52 10.19 18.02 -5.63
C SER B 52 9.18 18.05 -6.75
N ASP B 53 9.44 17.30 -7.81
CA ASP B 53 8.51 17.23 -8.93
C ASP B 53 7.43 16.26 -8.51
N MET B 54 6.19 16.62 -8.82
CA MET B 54 5.09 15.77 -8.42
C MET B 54 4.96 14.47 -9.20
N SER B 55 4.67 13.42 -8.45
CA SER B 55 4.45 12.12 -9.03
C SER B 55 3.21 11.51 -8.34
N PHE B 56 2.90 10.26 -8.66
CA PHE B 56 1.74 9.64 -8.08
C PHE B 56 1.93 8.13 -7.95
N SER B 57 1.05 7.51 -7.17
CA SER B 57 1.13 6.08 -6.97
C SER B 57 0.13 5.31 -7.82
N LYS B 58 0.21 4.00 -7.67
CA LYS B 58 -0.66 3.07 -8.35
C LYS B 58 -2.15 3.43 -8.24
N ASP B 59 -2.59 3.92 -7.08
CA ASP B 59 -4.00 4.29 -6.96
C ASP B 59 -4.28 5.70 -7.52
N TRP B 60 -3.30 6.28 -8.20
CA TRP B 60 -3.42 7.60 -8.82
C TRP B 60 -3.28 8.79 -7.87
N SER B 61 -3.13 8.52 -6.57
CA SER B 61 -2.98 9.62 -5.61
C SER B 61 -1.55 10.21 -5.74
N PHE B 62 -1.45 11.52 -5.64
CA PHE B 62 -0.17 12.20 -5.78
C PHE B 62 0.65 12.28 -4.51
N TYR B 63 1.93 12.61 -4.68
CA TYR B 63 2.86 12.81 -3.60
C TYR B 63 3.88 13.88 -3.97
N ILE B 64 4.31 14.64 -2.97
CA ILE B 64 5.28 15.72 -3.10
C ILE B 64 6.06 15.81 -1.80
N LEU B 65 7.28 16.33 -1.92
CA LEU B 65 8.16 16.55 -0.80
C LEU B 65 8.61 18.00 -0.77
N ALA B 66 8.29 18.71 0.31
CA ALA B 66 8.69 20.10 0.53
C ALA B 66 9.80 19.96 1.57
N HIS B 67 10.92 20.68 1.39
CA HIS B 67 12.02 20.56 2.33
C HIS B 67 12.88 21.80 2.45
N THR B 68 13.27 22.09 3.69
CA THR B 68 14.09 23.25 3.97
C THR B 68 15.15 22.91 4.99
N GLU B 69 15.75 23.95 5.55
CA GLU B 69 16.77 23.84 6.55
C GLU B 69 16.23 24.30 7.91
N PHE B 70 16.76 23.71 8.96
CA PHE B 70 16.33 24.08 10.28
C PHE B 70 17.33 23.56 11.29
N THR B 71 17.24 24.06 12.51
CA THR B 71 18.15 23.64 13.56
C THR B 71 17.35 23.29 14.81
N PRO B 72 17.15 21.99 15.05
CA PRO B 72 16.41 21.46 16.20
C PRO B 72 16.72 22.15 17.54
N THR B 73 15.67 22.66 18.18
CA THR B 73 15.78 23.34 19.47
C THR B 73 14.59 22.94 20.34
N GLU B 74 14.84 22.67 21.61
CA GLU B 74 13.76 22.28 22.52
C GLU B 74 12.74 23.40 22.68
N THR B 75 13.15 24.61 22.31
CA THR B 75 12.29 25.78 22.41
C THR B 75 11.74 26.19 21.05
N ASP B 76 12.00 25.37 20.03
CA ASP B 76 11.53 25.71 18.69
C ASP B 76 10.52 24.76 18.07
N THR B 77 9.36 25.33 17.73
CA THR B 77 8.26 24.59 17.12
C THR B 77 8.32 24.72 15.58
N TYR B 78 8.37 23.58 14.89
CA TYR B 78 8.37 23.55 13.42
C TYR B 78 7.18 22.69 13.01
N ALA B 79 6.48 23.11 11.95
CA ALA B 79 5.31 22.38 11.47
C ALA B 79 5.07 22.56 10.00
N CYS B 80 4.21 21.69 9.45
CA CYS B 80 3.85 21.77 8.05
C CYS B 80 2.33 21.83 7.92
N ARG B 81 1.84 22.89 7.30
CA ARG B 81 0.42 23.09 7.11
C ARG B 81 0.10 23.02 5.62
N VAL B 82 -0.88 22.20 5.27
CA VAL B 82 -1.25 22.05 3.87
C VAL B 82 -2.71 22.38 3.67
N LYS B 83 -2.99 22.96 2.50
CA LYS B 83 -4.35 23.34 2.13
C LYS B 83 -4.74 22.51 0.92
N HIS B 84 -5.84 21.77 1.05
CA HIS B 84 -6.36 20.93 -0.03
C HIS B 84 -7.89 20.82 0.03
N ASP B 85 -8.48 20.94 -1.15
CA ASP B 85 -9.91 20.92 -1.35
C ASP B 85 -10.66 19.78 -0.69
N SER B 86 -9.98 18.69 -0.38
CA SER B 86 -10.64 17.55 0.23
C SER B 86 -10.93 17.71 1.72
N MET B 87 -10.36 18.72 2.35
CA MET B 87 -10.55 18.89 3.79
C MET B 87 -11.38 20.10 4.19
N ALA B 88 -12.09 19.99 5.31
CA ALA B 88 -12.93 21.05 5.81
C ALA B 88 -12.08 22.22 6.31
N GLU B 89 -10.84 21.92 6.70
CA GLU B 89 -9.94 22.95 7.20
C GLU B 89 -8.49 22.61 6.90
N PRO B 90 -7.62 23.63 6.83
CA PRO B 90 -6.21 23.36 6.55
C PRO B 90 -5.75 22.36 7.60
N LYS B 91 -4.65 21.66 7.33
CA LYS B 91 -4.19 20.65 8.28
C LYS B 91 -2.73 20.88 8.60
N THR B 92 -2.43 20.94 9.90
CA THR B 92 -1.06 21.16 10.35
C THR B 92 -0.56 19.98 11.15
N VAL B 93 0.69 19.60 10.92
CA VAL B 93 1.33 18.50 11.63
C VAL B 93 2.67 19.05 12.09
N TYR B 94 2.95 18.89 13.37
CA TYR B 94 4.19 19.39 13.94
C TYR B 94 5.35 18.40 13.87
N TRP B 95 6.57 18.90 13.70
CA TRP B 95 7.71 18.03 13.72
C TRP B 95 7.81 17.51 15.16
N ASP B 96 8.16 16.23 15.30
CA ASP B 96 8.30 15.54 16.57
C ASP B 96 9.53 14.67 16.37
N ARG B 97 10.62 15.01 17.06
CA ARG B 97 11.88 14.29 16.94
C ARG B 97 11.84 12.78 17.13
N ASP B 98 10.79 12.27 17.77
CA ASP B 98 10.70 10.83 18.00
C ASP B 98 10.15 10.08 16.78
N MET B 99 9.70 10.80 15.75
CA MET B 99 9.13 10.13 14.59
C MET B 99 9.56 10.53 13.20
N ALA C 4 0.36 -24.70 18.27
CA ALA C 4 -0.91 -24.17 17.70
C ALA C 4 -1.89 -23.81 18.81
N PRO C 5 -2.31 -22.54 18.85
CA PRO C 5 -3.25 -22.06 19.85
C PRO C 5 -4.67 -22.46 19.42
N GLU C 6 -5.58 -22.49 20.37
CA GLU C 6 -6.96 -22.81 20.05
C GLU C 6 -7.88 -21.66 20.46
N LEU C 7 -8.76 -21.26 19.57
CA LEU C 7 -9.66 -20.16 19.88
C LEU C 7 -11.05 -20.70 20.14
N ARG C 8 -11.56 -20.47 21.35
CA ARG C 8 -12.92 -20.91 21.63
C ARG C 8 -13.80 -19.69 21.78
N ILE C 9 -14.98 -19.75 21.18
CA ILE C 9 -15.89 -18.63 21.18
C ILE C 9 -17.24 -18.94 21.79
N PHE C 10 -17.82 -17.97 22.49
CA PHE C 10 -19.14 -18.15 23.12
C PHE C 10 -19.87 -16.82 23.11
N PRO C 11 -21.21 -16.85 22.93
CA PRO C 11 -21.97 -18.09 22.73
C PRO C 11 -21.76 -18.69 21.33
N LYS C 12 -22.43 -19.79 21.06
CA LYS C 12 -22.36 -20.48 19.78
C LYS C 12 -23.19 -19.77 18.71
N LYS C 13 -24.15 -18.98 19.14
CA LYS C 13 -24.99 -18.24 18.23
C LYS C 13 -25.72 -17.18 19.03
N MET C 14 -26.31 -16.20 18.34
CA MET C 14 -27.04 -15.11 19.01
C MET C 14 -28.18 -14.68 18.13
N ASP C 15 -29.38 -14.73 18.70
CA ASP C 15 -30.57 -14.35 17.98
C ASP C 15 -30.93 -13.05 18.65
N ALA C 16 -30.55 -11.97 18.01
CA ALA C 16 -30.72 -10.68 18.62
C ALA C 16 -31.91 -9.84 18.23
N GLU C 17 -32.45 -9.18 19.24
CA GLU C 17 -33.56 -8.29 19.04
C GLU C 17 -32.97 -6.92 18.83
N LEU C 18 -33.56 -6.16 17.92
CA LEU C 18 -33.05 -4.83 17.65
C LEU C 18 -32.92 -4.01 18.93
N GLY C 19 -31.78 -3.32 19.05
CA GLY C 19 -31.56 -2.50 20.22
C GLY C 19 -30.89 -3.19 21.37
N GLN C 20 -30.82 -4.52 21.36
CA GLN C 20 -30.21 -5.20 22.49
C GLN C 20 -28.69 -5.29 22.46
N LYS C 21 -28.10 -5.46 23.64
CA LYS C 21 -26.65 -5.58 23.74
C LYS C 21 -26.32 -7.04 23.52
N VAL C 22 -25.14 -7.31 22.97
CA VAL C 22 -24.71 -8.71 22.79
C VAL C 22 -23.22 -8.85 23.02
N ASP C 23 -22.83 -9.81 23.85
CA ASP C 23 -21.44 -10.06 24.14
C ASP C 23 -20.95 -11.30 23.43
N LEU C 24 -19.74 -11.17 22.87
CA LEU C 24 -19.05 -12.27 22.21
C LEU C 24 -17.74 -12.36 23.03
N VAL C 25 -17.36 -13.59 23.37
CA VAL C 25 -16.16 -13.79 24.14
C VAL C 25 -15.29 -14.77 23.42
N CYS C 26 -14.00 -14.52 23.49
CA CYS C 26 -13.04 -15.39 22.83
C CYS C 26 -11.97 -15.69 23.85
N GLU C 27 -11.79 -16.98 24.07
CA GLU C 27 -10.79 -17.48 25.00
C GLU C 27 -9.69 -18.05 24.12
N VAL C 28 -8.49 -17.54 24.27
CA VAL C 28 -7.39 -18.04 23.45
C VAL C 28 -6.60 -19.05 24.29
N LEU C 29 -6.64 -20.31 23.88
CA LEU C 29 -5.95 -21.39 24.59
C LEU C 29 -4.64 -21.75 23.88
N GLY C 30 -3.53 -21.65 24.60
CA GLY C 30 -2.24 -21.97 24.00
C GLY C 30 -1.22 -20.90 24.33
N SER C 31 -0.06 -20.95 23.71
CA SER C 31 0.94 -19.93 24.00
C SER C 31 1.01 -19.02 22.80
N VAL C 32 0.62 -17.76 22.99
CA VAL C 32 0.65 -16.82 21.88
C VAL C 32 1.20 -15.49 22.34
N SER C 33 1.96 -14.83 21.48
CA SER C 33 2.49 -13.54 21.87
C SER C 33 1.60 -12.41 21.41
N GLN C 34 0.81 -12.63 20.37
CA GLN C 34 0.00 -11.53 19.91
C GLN C 34 -1.40 -11.52 20.44
N GLY C 35 -2.08 -10.40 20.22
CA GLY C 35 -3.43 -10.23 20.70
C GLY C 35 -4.48 -10.90 19.85
N CYS C 36 -5.73 -10.60 20.19
CA CYS C 36 -6.89 -11.14 19.51
C CYS C 36 -7.63 -10.08 18.66
N SER C 37 -8.12 -10.48 17.48
CA SER C 37 -8.86 -9.59 16.56
C SER C 37 -10.28 -10.10 16.45
N TRP C 38 -11.22 -9.17 16.37
CA TRP C 38 -12.63 -9.50 16.19
C TRP C 38 -13.02 -9.11 14.79
N LEU C 39 -13.66 -10.02 14.08
CA LEU C 39 -14.07 -9.79 12.68
C LEU C 39 -15.50 -10.28 12.49
N PHE C 40 -16.11 -9.94 11.36
CA PHE C 40 -17.43 -10.46 11.03
C PHE C 40 -17.67 -10.20 9.55
N GLN C 41 -18.49 -11.06 8.97
CA GLN C 41 -18.88 -10.95 7.57
C GLN C 41 -20.36 -10.57 7.63
N ASN C 42 -20.76 -9.47 6.98
CA ASN C 42 -22.17 -9.07 7.03
C ASN C 42 -22.99 -10.16 6.37
N SER C 43 -24.24 -10.31 6.77
CA SER C 43 -25.09 -11.38 6.23
C SER C 43 -25.77 -11.03 4.93
N SER C 44 -26.24 -9.78 4.82
CA SER C 44 -26.89 -9.33 3.60
C SER C 44 -25.81 -8.74 2.68
N SER C 45 -25.11 -9.65 2.00
CA SER C 45 -24.03 -9.31 1.09
C SER C 45 -23.58 -10.63 0.47
N LYS C 46 -23.46 -10.68 -0.85
CA LYS C 46 -23.04 -11.89 -1.53
C LYS C 46 -21.60 -12.27 -1.22
N LEU C 47 -20.65 -11.58 -1.84
CA LEU C 47 -19.23 -11.86 -1.61
C LEU C 47 -18.85 -11.62 -0.16
N PRO C 48 -18.69 -12.71 0.61
CA PRO C 48 -18.33 -12.69 2.03
C PRO C 48 -16.98 -12.06 2.40
N GLN C 49 -16.84 -10.74 2.23
CA GLN C 49 -15.57 -10.11 2.58
C GLN C 49 -15.56 -9.73 4.07
N PRO C 50 -14.61 -10.26 4.84
CA PRO C 50 -14.60 -9.92 6.27
C PRO C 50 -14.44 -8.42 6.55
N THR C 51 -14.98 -8.01 7.69
CA THR C 51 -14.91 -6.63 8.17
C THR C 51 -14.17 -6.69 9.51
N PHE C 52 -13.05 -5.98 9.60
CA PHE C 52 -12.28 -5.94 10.85
C PHE C 52 -13.02 -5.04 11.87
N VAL C 53 -13.11 -5.46 13.13
CA VAL C 53 -13.74 -4.59 14.11
C VAL C 53 -12.72 -3.99 15.07
N VAL C 54 -11.93 -4.83 15.74
CA VAL C 54 -10.97 -4.36 16.75
C VAL C 54 -9.88 -5.38 16.98
N TYR C 55 -8.76 -4.93 17.54
CA TYR C 55 -7.67 -5.81 17.90
C TYR C 55 -7.26 -5.41 19.30
N MET C 56 -7.02 -6.39 20.17
CA MET C 56 -6.58 -6.09 21.51
C MET C 56 -5.27 -6.79 21.71
N ALA C 57 -4.27 -6.02 22.12
CA ALA C 57 -2.96 -6.58 22.33
C ALA C 57 -3.02 -7.53 23.51
N SER C 58 -2.11 -8.50 23.53
CA SER C 58 -2.04 -9.50 24.58
C SER C 58 -1.06 -9.24 25.72
N SER C 59 0.16 -8.84 25.40
CA SER C 59 1.19 -8.63 26.41
C SER C 59 1.16 -7.27 27.10
N HIS C 60 0.37 -6.35 26.58
CA HIS C 60 0.28 -5.02 27.15
C HIS C 60 -1.12 -4.54 26.85
N ASN C 61 -1.43 -3.35 27.33
CA ASN C 61 -2.76 -2.82 27.12
C ASN C 61 -2.85 -1.81 25.99
N LYS C 62 -3.36 -2.26 24.86
CA LYS C 62 -3.50 -1.39 23.73
C LYS C 62 -4.59 -1.99 22.83
N ILE C 63 -5.55 -1.15 22.46
CA ILE C 63 -6.67 -1.53 21.62
C ILE C 63 -6.65 -0.70 20.32
N THR C 64 -6.85 -1.35 19.19
CA THR C 64 -6.85 -0.66 17.90
C THR C 64 -8.15 -0.95 17.21
N TRP C 65 -8.91 0.10 16.93
CA TRP C 65 -10.22 -0.04 16.31
C TRP C 65 -10.23 0.23 14.82
N ASP C 66 -11.24 -0.33 14.14
CA ASP C 66 -11.43 -0.07 12.71
C ASP C 66 -11.78 1.43 12.65
N GLU C 67 -11.05 2.22 11.89
CA GLU C 67 -11.40 3.63 11.84
C GLU C 67 -12.14 3.96 10.56
N LYS C 68 -12.48 2.94 9.78
CA LYS C 68 -13.21 3.17 8.56
C LYS C 68 -14.66 3.44 8.95
N LEU C 69 -15.18 2.58 9.81
CA LEU C 69 -16.55 2.69 10.26
C LEU C 69 -16.61 3.27 11.68
N ASN C 70 -15.44 3.57 12.25
CA ASN C 70 -15.40 4.08 13.60
C ASN C 70 -16.14 3.13 14.53
N SER C 71 -15.77 1.85 14.51
CA SER C 71 -16.42 0.86 15.36
C SER C 71 -16.29 1.10 16.86
N SER C 72 -15.37 1.97 17.28
CA SER C 72 -15.21 2.20 18.72
C SER C 72 -16.43 2.90 19.29
N LYS C 73 -17.19 3.56 18.41
CA LYS C 73 -18.42 4.26 18.78
C LYS C 73 -19.60 3.28 19.04
N LEU C 74 -19.55 2.06 18.48
CA LEU C 74 -20.68 1.13 18.67
C LEU C 74 -20.42 -0.09 19.52
N PHE C 75 -19.14 -0.31 19.83
CA PHE C 75 -18.73 -1.46 20.59
C PHE C 75 -17.86 -1.05 21.74
N SER C 76 -17.71 -1.96 22.69
CA SER C 76 -16.81 -1.79 23.82
C SER C 76 -15.97 -3.06 23.74
N ALA C 77 -14.71 -2.99 24.10
CA ALA C 77 -13.87 -4.18 23.99
C ALA C 77 -13.00 -4.32 25.20
N MET C 78 -12.90 -5.52 25.73
CA MET C 78 -12.06 -5.68 26.91
C MET C 78 -11.41 -7.05 26.92
N ARG C 79 -10.39 -7.20 27.74
CA ARG C 79 -9.66 -8.47 27.84
C ARG C 79 -9.20 -8.61 29.28
N ASP C 80 -9.16 -9.84 29.79
CA ASP C 80 -8.67 -10.05 31.13
C ASP C 80 -7.29 -10.71 31.02
N THR C 81 -6.52 -10.70 32.11
CA THR C 81 -5.17 -11.26 32.12
C THR C 81 -5.06 -12.75 31.81
N ASN C 82 -6.20 -13.44 31.71
CA ASN C 82 -6.20 -14.88 31.40
C ASN C 82 -6.63 -15.15 29.97
N ASN C 83 -6.31 -14.22 29.10
CA ASN C 83 -6.60 -14.37 27.69
C ASN C 83 -8.03 -14.65 27.24
N LYS C 84 -8.97 -13.93 27.84
CA LYS C 84 -10.37 -14.02 27.47
C LYS C 84 -10.67 -12.61 27.01
N TYR C 85 -11.02 -12.49 25.73
CA TYR C 85 -11.31 -11.20 25.13
C TYR C 85 -12.80 -11.04 24.93
N VAL C 86 -13.31 -9.89 25.31
CA VAL C 86 -14.75 -9.63 25.19
C VAL C 86 -15.06 -8.48 24.25
N LEU C 87 -16.06 -8.70 23.39
CA LEU C 87 -16.52 -7.68 22.45
C LEU C 87 -18.03 -7.56 22.70
N THR C 88 -18.53 -6.37 23.09
CA THR C 88 -19.99 -6.25 23.24
C THR C 88 -20.60 -5.20 22.30
N LEU C 89 -21.56 -5.64 21.51
CA LEU C 89 -22.29 -4.77 20.58
C LEU C 89 -23.21 -4.05 21.55
N ASN C 90 -23.04 -2.75 21.72
CA ASN C 90 -23.84 -2.04 22.68
C ASN C 90 -25.34 -1.94 22.38
N LYS C 91 -25.73 -1.89 21.11
CA LYS C 91 -27.14 -1.74 20.73
C LYS C 91 -27.28 -2.40 19.35
N PHE C 92 -27.76 -3.64 19.30
CA PHE C 92 -27.85 -4.36 18.04
C PHE C 92 -28.65 -3.64 16.97
N SER C 93 -28.09 -3.53 15.77
CA SER C 93 -28.79 -2.90 14.68
C SER C 93 -28.57 -3.75 13.44
N LYS C 94 -29.43 -3.61 12.43
CA LYS C 94 -29.28 -4.38 11.22
C LYS C 94 -27.88 -4.29 10.65
N GLU C 95 -27.29 -3.11 10.79
CA GLU C 95 -25.98 -2.89 10.27
C GLU C 95 -24.87 -3.69 10.97
N ASN C 96 -25.17 -4.28 12.12
CA ASN C 96 -24.22 -5.11 12.87
C ASN C 96 -24.51 -6.59 12.66
N GLU C 97 -25.57 -6.88 11.91
CA GLU C 97 -25.91 -8.28 11.71
C GLU C 97 -24.84 -9.02 10.93
N GLY C 98 -24.43 -10.18 11.43
CA GLY C 98 -23.44 -10.93 10.69
C GLY C 98 -22.98 -12.16 11.41
N TYR C 99 -21.94 -12.76 10.83
CA TYR C 99 -21.31 -13.94 11.35
C TYR C 99 -20.00 -13.49 11.94
N TYR C 100 -19.92 -13.49 13.26
CA TYR C 100 -18.70 -13.00 13.91
C TYR C 100 -17.69 -14.11 14.24
N PHE C 101 -16.41 -13.74 14.34
CA PHE C 101 -15.36 -14.66 14.70
C PHE C 101 -14.14 -13.91 15.19
N CYS C 102 -13.33 -14.58 15.99
CA CYS C 102 -12.13 -13.95 16.49
C CYS C 102 -10.94 -14.56 15.79
N SER C 103 -9.79 -13.90 15.87
CA SER C 103 -8.59 -14.35 15.18
C SER C 103 -7.30 -14.05 15.93
N VAL C 104 -6.32 -14.94 15.84
CA VAL C 104 -5.03 -14.67 16.46
C VAL C 104 -4.00 -15.14 15.46
N ILE C 105 -2.87 -14.42 15.43
CA ILE C 105 -1.80 -14.80 14.57
C ILE C 105 -0.70 -15.23 15.49
N SER C 106 -0.18 -16.42 15.21
CA SER C 106 0.92 -16.98 15.99
C SER C 106 1.90 -17.63 15.00
N ASN C 107 3.15 -17.15 15.05
CA ASN C 107 4.21 -17.62 14.15
C ASN C 107 3.74 -17.60 12.69
N SER C 108 3.22 -16.44 12.30
CA SER C 108 2.77 -16.22 10.93
C SER C 108 1.59 -17.00 10.39
N VAL C 109 0.94 -17.79 11.24
CA VAL C 109 -0.25 -18.50 10.81
C VAL C 109 -1.45 -17.80 11.46
N MET C 110 -2.45 -17.48 10.64
CA MET C 110 -3.69 -16.87 11.15
C MET C 110 -4.62 -18.01 11.57
N TYR C 111 -5.05 -17.99 12.82
CA TYR C 111 -5.98 -19.01 13.33
C TYR C 111 -7.34 -18.34 13.56
N PHE C 112 -8.44 -19.03 13.26
CA PHE C 112 -9.80 -18.51 13.44
C PHE C 112 -10.67 -19.33 14.40
N SER C 113 -11.58 -18.68 15.14
CA SER C 113 -12.48 -19.41 16.03
C SER C 113 -13.63 -19.88 15.14
N SER C 114 -14.64 -20.52 15.72
CA SER C 114 -15.81 -20.90 14.91
C SER C 114 -16.54 -19.60 14.61
N VAL C 115 -17.41 -19.63 13.62
CA VAL C 115 -18.20 -18.48 13.24
C VAL C 115 -19.51 -18.50 14.05
N VAL C 116 -19.82 -17.36 14.70
CA VAL C 116 -21.04 -17.16 15.51
C VAL C 116 -22.06 -16.30 14.78
N PRO C 117 -23.21 -16.88 14.40
CA PRO C 117 -24.18 -16.03 13.71
C PRO C 117 -24.86 -15.11 14.73
N VAL C 118 -24.89 -13.82 14.43
CA VAL C 118 -25.54 -12.83 15.29
C VAL C 118 -26.55 -12.32 14.30
N LEU C 119 -27.74 -12.90 14.33
CA LEU C 119 -28.78 -12.59 13.39
C LEU C 119 -30.00 -11.95 14.00
N GLN C 120 -30.67 -11.09 13.24
CA GLN C 120 -31.85 -10.44 13.74
C GLN C 120 -33.03 -11.40 13.96
N LYS C 121 -33.49 -11.42 15.19
CA LYS C 121 -34.61 -12.24 15.61
C LYS C 121 -35.89 -11.40 15.55
N VAL C 122 -37.00 -11.98 15.07
CA VAL C 122 -38.23 -11.20 15.06
C VAL C 122 -38.80 -11.18 16.48
N SER C 123 -39.09 -9.97 16.96
CA SER C 123 -39.62 -9.83 18.30
C SER C 123 -41.09 -10.23 18.47
N SER C 124 -41.96 -9.79 17.58
CA SER C 124 -43.38 -10.03 17.68
C SER C 124 -43.92 -11.34 17.19
N ALA C 125 -44.90 -11.88 17.90
CA ALA C 125 -45.54 -13.12 17.51
C ALA C 125 -46.27 -12.86 16.18
N LYS D 1 -4.63 4.00 12.25
CA LYS D 1 -3.74 4.74 11.32
C LYS D 1 -4.48 5.01 10.02
N PRO D 2 -5.08 6.20 9.90
CA PRO D 2 -5.83 6.56 8.68
C PRO D 2 -5.29 5.93 7.40
N GLN D 3 -4.01 6.12 7.09
CA GLN D 3 -3.45 5.60 5.87
C GLN D 3 -3.42 4.08 5.74
N ALA D 4 -4.40 3.55 5.02
CA ALA D 4 -4.56 2.12 4.83
C ALA D 4 -3.93 1.54 3.57
N PRO D 5 -3.37 0.33 3.68
CA PRO D 5 -2.80 -0.22 2.45
C PRO D 5 -3.97 -0.52 1.54
N GLU D 6 -3.73 -0.67 0.25
CA GLU D 6 -4.83 -1.02 -0.63
C GLU D 6 -4.56 -2.35 -1.32
N LEU D 7 -5.53 -3.27 -1.21
CA LEU D 7 -5.43 -4.61 -1.80
C LEU D 7 -6.20 -4.71 -3.12
N ARG D 8 -5.54 -5.28 -4.12
CA ARG D 8 -6.17 -5.48 -5.42
C ARG D 8 -5.94 -6.93 -5.83
N ILE D 9 -7.03 -7.64 -6.08
CA ILE D 9 -6.89 -9.03 -6.46
C ILE D 9 -7.30 -9.28 -7.91
N PHE D 10 -6.61 -10.22 -8.57
CA PHE D 10 -6.90 -10.57 -9.96
C PHE D 10 -6.80 -12.10 -10.16
N PRO D 11 -7.74 -12.68 -10.95
CA PRO D 11 -8.84 -12.02 -11.64
C PRO D 11 -9.95 -11.76 -10.64
N LYS D 12 -10.98 -11.03 -11.07
CA LYS D 12 -12.10 -10.73 -10.18
C LYS D 12 -13.03 -11.92 -10.05
N LYS D 13 -12.91 -12.83 -11.01
CA LYS D 13 -13.73 -14.03 -11.04
C LYS D 13 -13.06 -15.12 -11.84
N MET D 14 -13.45 -16.36 -11.60
CA MET D 14 -12.92 -17.49 -12.35
C MET D 14 -13.87 -18.67 -12.40
N ASP D 15 -14.13 -19.08 -13.62
CA ASP D 15 -14.97 -20.21 -13.91
C ASP D 15 -13.96 -21.25 -14.41
N ALA D 16 -13.59 -22.17 -13.53
CA ALA D 16 -12.59 -23.17 -13.87
C ALA D 16 -13.08 -24.60 -14.12
N GLU D 17 -12.51 -25.25 -15.11
CA GLU D 17 -12.84 -26.63 -15.41
C GLU D 17 -11.87 -27.42 -14.57
N LEU D 18 -12.29 -28.58 -14.09
CA LEU D 18 -11.42 -29.39 -13.26
C LEU D 18 -10.08 -29.63 -13.97
N GLY D 19 -9.01 -29.65 -13.18
CA GLY D 19 -7.70 -29.87 -13.75
C GLY D 19 -6.91 -28.63 -14.10
N GLN D 20 -7.56 -27.58 -14.58
CA GLN D 20 -6.81 -26.38 -14.98
C GLN D 20 -6.07 -25.63 -13.88
N LYS D 21 -5.02 -24.93 -14.31
CA LYS D 21 -4.18 -24.12 -13.45
C LYS D 21 -4.87 -22.77 -13.28
N VAL D 22 -4.76 -22.19 -12.10
CA VAL D 22 -5.39 -20.90 -11.86
C VAL D 22 -4.55 -20.10 -10.90
N ASP D 23 -4.08 -18.96 -11.41
CA ASP D 23 -3.26 -18.04 -10.63
C ASP D 23 -4.10 -16.91 -10.10
N LEU D 24 -3.96 -16.61 -8.82
CA LEU D 24 -4.70 -15.52 -8.23
C LEU D 24 -3.62 -14.55 -7.82
N VAL D 25 -3.75 -13.30 -8.24
CA VAL D 25 -2.76 -12.31 -7.90
C VAL D 25 -3.33 -11.28 -6.92
N CYS D 26 -2.54 -11.03 -5.88
CA CYS D 26 -2.85 -10.03 -4.86
C CYS D 26 -1.76 -8.98 -4.93
N GLU D 27 -2.15 -7.79 -5.36
CA GLU D 27 -1.22 -6.67 -5.48
C GLU D 27 -1.50 -5.73 -4.32
N VAL D 28 -0.48 -5.51 -3.50
CA VAL D 28 -0.61 -4.66 -2.33
C VAL D 28 0.01 -3.28 -2.54
N LEU D 29 -0.81 -2.25 -2.48
CA LEU D 29 -0.31 -0.89 -2.69
C LEU D 29 0.07 -0.22 -1.38
N GLY D 30 1.04 0.68 -1.44
CA GLY D 30 1.51 1.37 -0.26
C GLY D 30 2.71 0.67 0.34
N SER D 31 3.23 1.17 1.45
CA SER D 31 4.34 0.49 2.10
C SER D 31 4.09 0.46 3.61
N VAL D 32 2.82 0.43 4.01
CA VAL D 32 2.48 0.39 5.42
C VAL D 32 2.10 -0.99 5.89
N SER D 33 2.32 -1.99 5.04
CA SER D 33 2.03 -3.35 5.45
C SER D 33 3.21 -4.20 4.99
N GLN D 34 3.45 -5.31 5.66
CA GLN D 34 4.53 -6.20 5.23
C GLN D 34 4.03 -7.62 5.17
N GLY D 35 4.25 -8.27 4.01
CA GLY D 35 3.82 -9.63 3.83
C GLY D 35 2.38 -9.70 3.37
N CYS D 36 1.87 -10.90 3.07
CA CYS D 36 0.50 -11.07 2.57
C CYS D 36 -0.03 -12.47 2.88
N SER D 37 -1.28 -12.57 3.34
CA SER D 37 -1.88 -13.87 3.63
C SER D 37 -3.01 -14.18 2.69
N TRP D 38 -3.11 -15.44 2.26
CA TRP D 38 -4.17 -15.82 1.36
C TRP D 38 -5.20 -16.58 2.17
N LEU D 39 -6.46 -16.18 2.04
CA LEU D 39 -7.52 -16.85 2.80
C LEU D 39 -8.52 -17.53 1.84
N PHE D 40 -9.21 -18.53 2.36
CA PHE D 40 -10.16 -19.27 1.55
C PHE D 40 -11.46 -19.62 2.29
N GLN D 41 -12.58 -19.45 1.61
CA GLN D 41 -13.88 -19.75 2.19
C GLN D 41 -14.53 -20.77 1.24
N ASN D 42 -14.61 -22.02 1.68
CA ASN D 42 -15.18 -23.09 0.86
C ASN D 42 -16.62 -22.88 0.40
N SER D 43 -16.84 -23.02 -0.90
CA SER D 43 -18.18 -22.87 -1.46
C SER D 43 -18.93 -24.03 -0.85
N SER D 44 -18.15 -25.05 -0.50
CA SER D 44 -18.62 -26.27 0.13
C SER D 44 -18.95 -25.95 1.58
N SER D 45 -19.35 -24.71 1.83
CA SER D 45 -19.71 -24.25 3.16
C SER D 45 -20.88 -23.25 3.07
N LYS D 46 -22.07 -23.69 3.46
CA LYS D 46 -23.25 -22.83 3.42
C LYS D 46 -23.16 -21.72 4.45
N LEU D 47 -22.30 -21.93 5.45
CA LEU D 47 -22.11 -20.92 6.48
C LEU D 47 -20.70 -20.36 6.29
N PRO D 48 -20.56 -19.03 6.39
CA PRO D 48 -19.22 -18.48 6.21
C PRO D 48 -18.22 -18.97 7.26
N GLN D 49 -17.01 -19.28 6.81
CA GLN D 49 -15.92 -19.73 7.69
C GLN D 49 -14.58 -19.65 6.95
N PRO D 50 -13.81 -18.58 7.18
CA PRO D 50 -12.51 -18.42 6.51
C PRO D 50 -11.47 -19.47 6.91
N THR D 51 -10.62 -19.85 5.97
CA THR D 51 -9.56 -20.80 6.25
C THR D 51 -8.22 -20.23 5.77
N PHE D 52 -7.20 -20.27 6.64
CA PHE D 52 -5.89 -19.75 6.28
C PHE D 52 -5.28 -20.69 5.24
N VAL D 53 -4.80 -20.13 4.14
CA VAL D 53 -4.17 -20.95 3.11
C VAL D 53 -2.68 -20.80 3.33
N VAL D 54 -2.16 -19.57 3.16
CA VAL D 54 -0.72 -19.34 3.33
C VAL D 54 -0.33 -17.89 3.60
N TYR D 55 0.86 -17.69 4.18
CA TYR D 55 1.38 -16.34 4.45
C TYR D 55 2.73 -16.19 3.77
N MET D 56 2.87 -15.17 2.94
CA MET D 56 4.14 -14.92 2.23
C MET D 56 4.73 -13.65 2.81
N ALA D 57 5.94 -13.77 3.35
CA ALA D 57 6.61 -12.63 3.93
C ALA D 57 7.14 -11.71 2.87
N SER D 58 7.22 -10.44 3.22
CA SER D 58 7.72 -9.39 2.34
C SER D 58 9.25 -9.43 2.40
N SER D 59 9.78 -10.06 3.45
CA SER D 59 11.23 -10.18 3.69
C SER D 59 11.94 -10.56 2.43
N HIS D 60 12.16 -11.87 2.32
CA HIS D 60 12.78 -12.51 1.18
C HIS D 60 11.91 -13.76 1.10
N ASN D 61 12.46 -14.87 0.63
CA ASN D 61 11.63 -16.07 0.54
C ASN D 61 11.40 -16.74 1.88
N LYS D 62 10.21 -16.46 2.43
CA LYS D 62 9.77 -17.00 3.70
C LYS D 62 8.27 -17.24 3.51
N ILE D 63 7.88 -18.49 3.38
CA ILE D 63 6.48 -18.83 3.17
C ILE D 63 6.02 -19.78 4.26
N THR D 64 4.91 -19.45 4.93
CA THR D 64 4.35 -20.31 5.98
C THR D 64 2.99 -20.81 5.51
N TRP D 65 2.87 -22.11 5.28
CA TRP D 65 1.60 -22.71 4.86
C TRP D 65 0.77 -23.17 6.04
N ASP D 66 -0.53 -23.24 5.84
CA ASP D 66 -1.41 -23.77 6.88
C ASP D 66 -0.95 -25.21 7.08
N GLU D 67 -0.83 -25.65 8.33
CA GLU D 67 -0.36 -27.00 8.66
C GLU D 67 -0.82 -28.16 7.75
N LYS D 68 -2.09 -28.19 7.35
CA LYS D 68 -2.55 -29.28 6.50
C LYS D 68 -1.98 -29.12 5.11
N LEU D 69 -2.12 -27.93 4.57
CA LEU D 69 -1.62 -27.62 3.24
C LEU D 69 -0.10 -27.56 3.21
N ASN D 70 0.52 -27.76 4.37
CA ASN D 70 1.98 -27.70 4.45
C ASN D 70 2.63 -28.66 3.47
N SER D 71 2.02 -29.83 3.30
CA SER D 71 2.53 -30.84 2.38
C SER D 71 1.42 -31.30 1.42
N SER D 72 0.80 -30.32 0.77
CA SER D 72 -0.25 -30.58 -0.21
C SER D 72 0.33 -30.05 -1.51
N LYS D 73 -0.09 -30.61 -2.63
CA LYS D 73 0.41 -30.16 -3.92
C LYS D 73 -0.70 -29.54 -4.77
N LEU D 74 -1.73 -29.06 -4.09
CA LEU D 74 -2.83 -28.40 -4.79
C LEU D 74 -2.49 -26.92 -4.89
N PHE D 75 -1.63 -26.45 -4.00
CA PHE D 75 -1.25 -25.04 -3.96
C PHE D 75 0.26 -24.80 -4.02
N SER D 76 0.61 -23.67 -4.62
CA SER D 76 2.00 -23.22 -4.69
C SER D 76 1.89 -21.71 -4.47
N ALA D 77 2.81 -21.14 -3.72
CA ALA D 77 2.79 -19.69 -3.47
C ALA D 77 4.07 -19.05 -4.02
N MET D 78 3.91 -17.93 -4.71
CA MET D 78 5.06 -17.25 -5.30
C MET D 78 5.03 -15.74 -5.20
N ARG D 79 6.06 -15.15 -4.60
CA ARG D 79 6.09 -13.70 -4.53
C ARG D 79 6.67 -13.23 -5.84
N ASP D 80 5.85 -12.52 -6.59
CA ASP D 80 6.21 -12.00 -7.89
C ASP D 80 6.73 -10.56 -7.77
N THR D 81 6.78 -9.90 -8.91
CA THR D 81 7.23 -8.53 -9.04
C THR D 81 6.55 -7.53 -8.11
N ASN D 82 7.33 -6.63 -7.53
CA ASN D 82 6.82 -5.60 -6.63
C ASN D 82 6.13 -6.26 -5.43
N ASN D 83 5.01 -5.66 -5.04
CA ASN D 83 4.24 -6.18 -3.95
C ASN D 83 3.12 -7.03 -4.54
N LYS D 84 3.48 -7.95 -5.44
CA LYS D 84 2.49 -8.82 -6.05
C LYS D 84 2.73 -10.19 -5.48
N TYR D 85 1.68 -10.78 -4.93
CA TYR D 85 1.74 -12.12 -4.33
C TYR D 85 0.83 -13.06 -5.12
N VAL D 86 1.36 -14.20 -5.52
CA VAL D 86 0.57 -15.13 -6.34
C VAL D 86 0.23 -16.46 -5.67
N LEU D 87 -1.06 -16.78 -5.63
CA LEU D 87 -1.48 -18.05 -5.08
C LEU D 87 -1.94 -18.84 -6.29
N THR D 88 -1.31 -19.98 -6.52
CA THR D 88 -1.63 -20.82 -7.66
C THR D 88 -2.33 -22.13 -7.29
N LEU D 89 -3.48 -22.38 -7.89
CA LEU D 89 -4.19 -23.64 -7.65
C LEU D 89 -3.63 -24.52 -8.78
N ASN D 90 -2.67 -25.37 -8.46
CA ASN D 90 -2.06 -26.23 -9.46
C ASN D 90 -3.09 -27.00 -10.29
N LYS D 91 -4.02 -27.65 -9.62
CA LYS D 91 -5.07 -28.42 -10.31
C LYS D 91 -6.43 -28.02 -9.76
N PHE D 92 -7.24 -27.34 -10.56
CA PHE D 92 -8.56 -26.95 -10.08
C PHE D 92 -9.38 -28.19 -9.76
N SER D 93 -9.95 -28.22 -8.56
CA SER D 93 -10.74 -29.36 -8.10
C SER D 93 -11.97 -28.88 -7.35
N LYS D 94 -12.74 -29.83 -6.81
CA LYS D 94 -13.94 -29.49 -6.05
C LYS D 94 -13.41 -29.20 -4.65
N GLU D 95 -12.19 -29.66 -4.43
CA GLU D 95 -11.44 -29.57 -3.20
C GLU D 95 -10.92 -28.15 -2.90
N ASN D 96 -10.83 -27.31 -3.92
CA ASN D 96 -10.34 -25.95 -3.72
C ASN D 96 -11.23 -24.96 -4.48
N GLU D 97 -12.51 -25.33 -4.59
CA GLU D 97 -13.51 -24.50 -5.26
C GLU D 97 -14.15 -23.64 -4.18
N GLY D 98 -14.37 -22.36 -4.47
CA GLY D 98 -14.96 -21.50 -3.47
C GLY D 98 -14.61 -20.02 -3.57
N TYR D 99 -14.36 -19.39 -2.42
CA TYR D 99 -14.06 -17.97 -2.41
C TYR D 99 -12.68 -17.66 -1.84
N TYR D 100 -11.90 -16.91 -2.62
CA TYR D 100 -10.53 -16.56 -2.24
C TYR D 100 -10.34 -15.07 -2.09
N PHE D 101 -9.52 -14.68 -1.12
CA PHE D 101 -9.20 -13.28 -0.88
C PHE D 101 -7.89 -13.18 -0.09
N CYS D 102 -7.16 -12.11 -0.35
CA CYS D 102 -5.92 -11.89 0.37
C CYS D 102 -6.15 -10.90 1.51
N SER D 103 -5.22 -10.87 2.43
CA SER D 103 -5.30 -10.00 3.57
C SER D 103 -3.91 -9.58 4.02
N VAL D 104 -3.79 -8.31 4.44
CA VAL D 104 -2.52 -7.85 4.97
C VAL D 104 -2.87 -7.12 6.27
N ILE D 105 -1.89 -6.99 7.15
CA ILE D 105 -2.10 -6.28 8.40
C ILE D 105 -1.32 -4.98 8.30
N SER D 106 -1.87 -3.90 8.85
CA SER D 106 -1.18 -2.63 8.86
C SER D 106 -1.52 -1.93 10.17
N ASN D 107 -0.49 -1.72 10.99
CA ASN D 107 -0.66 -1.09 12.28
C ASN D 107 -1.80 -1.68 13.12
N SER D 108 -1.77 -3.02 13.20
CA SER D 108 -2.71 -3.82 13.99
C SER D 108 -4.07 -4.04 13.40
N VAL D 109 -4.38 -3.38 12.29
CA VAL D 109 -5.65 -3.55 11.63
C VAL D 109 -5.54 -4.53 10.47
N MET D 110 -6.51 -5.44 10.36
CA MET D 110 -6.53 -6.41 9.25
C MET D 110 -7.32 -5.81 8.12
N TYR D 111 -6.75 -5.92 6.92
CA TYR D 111 -7.33 -5.41 5.68
C TYR D 111 -7.55 -6.62 4.78
N PHE D 112 -8.60 -6.56 3.95
CA PHE D 112 -8.94 -7.67 3.08
C PHE D 112 -9.26 -7.21 1.69
N SER D 113 -8.85 -8.00 0.71
CA SER D 113 -9.14 -7.72 -0.69
C SER D 113 -10.58 -8.16 -0.95
N SER D 114 -11.02 -7.98 -2.19
CA SER D 114 -12.33 -8.44 -2.63
C SER D 114 -12.25 -9.98 -2.58
N VAL D 115 -13.38 -10.66 -2.42
CA VAL D 115 -13.35 -12.12 -2.45
C VAL D 115 -13.56 -12.48 -3.93
N VAL D 116 -12.81 -13.46 -4.43
CA VAL D 116 -12.96 -13.86 -5.82
C VAL D 116 -13.45 -15.28 -5.87
N PRO D 117 -14.57 -15.49 -6.58
CA PRO D 117 -15.17 -16.81 -6.73
C PRO D 117 -14.44 -17.65 -7.76
N VAL D 118 -13.88 -18.77 -7.32
CA VAL D 118 -13.22 -19.69 -8.25
C VAL D 118 -14.14 -20.89 -8.29
N LEU D 119 -15.13 -20.83 -9.19
CA LEU D 119 -16.13 -21.86 -9.36
C LEU D 119 -15.98 -22.64 -10.66
N GLN D 120 -16.59 -23.81 -10.72
CA GLN D 120 -16.51 -24.64 -11.92
C GLN D 120 -17.51 -24.17 -12.96
C1 NAG E . -21.45 -5.54 4.00
C2 NAG E . -21.46 -5.06 2.52
C3 NAG E . -21.47 -3.51 2.44
C4 NAG E . -22.69 -2.95 3.20
C5 NAG E . -22.94 -3.69 4.53
C6 NAG E . -24.16 -4.60 4.54
C7 NAG E . -19.08 -5.47 2.24
C8 NAG E . -18.39 -6.71 2.77
N2 NAG E . -20.33 -5.59 1.78
O3 NAG E . -21.50 -3.10 1.08
O4 NAG E . -22.51 -1.56 3.46
O5 NAG E . -21.76 -4.47 4.91
O6 NAG E . -24.30 -5.33 3.32
O7 NAG E . -18.47 -4.40 2.24
C1 NAG F . -14.89 8.92 12.74
C2 NAG F . -15.15 9.72 11.45
C3 NAG F . -14.51 11.13 11.53
C4 NAG F . -14.87 11.82 12.84
C5 NAG F . -14.52 10.92 14.02
C6 NAG F . -14.87 11.54 15.36
C7 NAG F . -15.32 8.54 9.31
C8 NAG F . -16.80 8.87 9.26
N2 NAG F . -14.57 9.00 10.32
O3 NAG F . -14.97 11.94 10.45
O4 NAG F . -14.18 13.04 12.95
O5 NAG F . -15.26 9.68 13.90
O6 NAG F . -16.23 11.27 15.70
O7 NAG F . -14.83 7.86 8.40
C1 NAG G . -12.50 -27.06 1.74
C2 NAG G . -12.62 -28.47 1.14
C3 NAG G . -11.46 -29.39 1.62
C4 NAG G . -10.11 -28.69 1.49
C5 NAG G . -10.19 -27.34 2.20
C6 NAG G . -8.90 -26.55 2.22
C7 NAG G . -14.53 -29.92 0.80
C8 NAG G . -14.11 -31.37 0.94
N2 NAG G . -13.89 -29.04 1.57
O3 NAG G . -11.45 -30.60 0.87
O4 NAG G . -9.08 -29.49 2.06
O5 NAG G . -11.17 -26.53 1.56
O6 NAG G . -8.94 -25.53 3.23
O7 NAG G . -15.43 -29.61 0.02
C1 NAG H . 6.22 -27.90 5.93
C2 NAG H . 7.12 -28.32 7.12
C3 NAG H . 8.63 -28.16 6.81
C4 NAG H . 8.98 -28.74 5.45
C5 NAG H . 8.06 -28.13 4.40
C6 NAG H . 8.35 -28.63 2.99
C7 NAG H . 6.81 -26.23 8.36
C8 NAG H . 8.13 -25.56 8.65
N2 NAG H . 6.78 -27.57 8.32
O3 NAG H . 9.39 -28.80 7.82
O4 NAG H . 10.35 -28.47 5.13
O5 NAG H . 6.69 -28.48 4.71
O6 NAG H . 7.42 -29.61 2.57
O7 NAG H . 5.80 -25.55 8.18
#